data_7AFW
#
_entry.id   7AFW
#
_cell.length_a   53.453
_cell.length_b   53.453
_cell.length_c   87.545
_cell.angle_alpha   90
_cell.angle_beta   90
_cell.angle_gamma   120
#
_symmetry.space_group_name_H-M   'P 3 2 1'
#
loop_
_entity.id
_entity.type
_entity.pdbx_description
1 polymer 'Catenin beta-1'
2 non-polymer 3-[(2~{R})-4-methyl-5-oxidanylidene-2,3-dihydro-1,4-benzoxazepin-2-yl]benzenecarbonitrile
3 water water
#
_entity_poly.entity_id   1
_entity_poly.type   'polypeptide(L)'
_entity_poly.pdbx_seq_one_letter_code
;GSNYQDDAELATRAIPELTKLLNDEDQVVVNKAAVMVHQLSKKEASRHAIMRSPQMVSAIVRTMQNTNDVETARCTAGTL
HNLSHHREGLLAIFKSGGIPALVKMLGSPVDSVLFYAITTLHNLLLHQEGAKMAVRLAGGLQKMVALLNKTNVKFLAITT
DCLQILA
;
_entity_poly.pdbx_strand_id   A
#
loop_
_chem_comp.id
_chem_comp.type
_chem_comp.name
_chem_comp.formula
R9Q non-polymer 3-[(2~{R})-4-methyl-5-oxidanylidene-2,3-dihydro-1,4-benzoxazepin-2-yl]benzenecarbonitrile 'C17 H14 N2 O2'
#
# COMPACT_ATOMS: atom_id res chain seq x y z
N ASP A 6 9.17 11.04 21.38
CA ASP A 6 10.52 10.72 20.92
C ASP A 6 10.49 9.65 19.82
N ASP A 7 9.51 8.72 19.87
CA ASP A 7 9.29 7.66 18.86
C ASP A 7 9.10 8.30 17.49
N ALA A 8 8.26 9.35 17.40
CA ALA A 8 8.03 10.07 16.15
C ALA A 8 9.29 10.80 15.66
N GLU A 9 10.03 11.47 16.57
CA GLU A 9 11.23 12.21 16.19
C GLU A 9 12.33 11.30 15.64
N LEU A 10 12.54 10.14 16.27
CA LEU A 10 13.54 9.19 15.83
C LEU A 10 13.15 8.47 14.52
N ALA A 11 11.86 8.10 14.36
CA ALA A 11 11.40 7.51 13.09
C ALA A 11 11.60 8.52 11.95
N THR A 12 11.33 9.81 12.24
CA THR A 12 11.53 10.92 11.31
C THR A 12 12.97 11.00 10.80
N ARG A 13 13.99 10.88 11.70
CA ARG A 13 15.41 10.94 11.30
C ARG A 13 15.84 9.74 10.47
N ALA A 14 15.29 8.56 10.78
CA ALA A 14 15.65 7.32 10.11
C ALA A 14 15.06 7.23 8.68
N ILE A 15 13.88 7.84 8.45
CA ILE A 15 13.15 7.87 7.16
C ILE A 15 14.03 8.11 5.92
N PRO A 16 14.82 9.20 5.80
CA PRO A 16 15.60 9.41 4.56
C PRO A 16 16.54 8.24 4.18
N GLU A 17 17.19 7.64 5.19
CA GLU A 17 18.04 6.47 5.01
C GLU A 17 17.19 5.24 4.64
N LEU A 18 16.05 5.03 5.29
CA LEU A 18 15.20 3.88 4.98
C LEU A 18 14.61 4.00 3.57
N THR A 19 14.28 5.23 3.14
CA THR A 19 13.78 5.53 1.79
C THR A 19 14.88 5.18 0.80
N LYS A 20 16.15 5.57 1.11
CA LYS A 20 17.32 5.26 0.28
C LYS A 20 17.52 3.74 0.12
N LEU A 21 17.37 2.98 1.22
CA LEU A 21 17.60 1.52 1.19
C LEU A 21 16.47 0.75 0.50
N LEU A 22 15.27 1.31 0.47
CA LEU A 22 14.15 0.72 -0.25
C LEU A 22 14.43 0.78 -1.78
N ASN A 23 15.16 1.80 -2.24
CA ASN A 23 15.54 1.96 -3.63
C ASN A 23 16.87 1.29 -3.99
N ASP A 24 17.50 0.55 -3.07
CA ASP A 24 18.78 -0.13 -3.29
C ASP A 24 18.69 -1.20 -4.39
N GLU A 25 19.81 -1.56 -4.98
CA GLU A 25 19.87 -2.60 -6.02
C GLU A 25 19.87 -3.98 -5.32
N ASP A 26 20.52 -4.10 -4.13
CA ASP A 26 20.61 -5.36 -3.41
C ASP A 26 19.25 -5.69 -2.89
N GLN A 27 18.73 -6.87 -3.25
CA GLN A 27 17.38 -7.26 -2.85
C GLN A 27 17.22 -7.63 -1.39
N VAL A 28 18.33 -7.99 -0.72
CA VAL A 28 18.29 -8.29 0.68
C VAL A 28 18.20 -6.98 1.47
N VAL A 29 18.90 -5.89 1.01
CA VAL A 29 18.86 -4.56 1.60
C VAL A 29 17.43 -4.00 1.52
N VAL A 30 16.77 -4.11 0.35
CA VAL A 30 15.41 -3.65 0.15
C VAL A 30 14.41 -4.40 1.04
N ASN A 31 14.54 -5.73 1.13
CA ASN A 31 13.65 -6.56 1.95
C ASN A 31 13.75 -6.14 3.43
N LYS A 32 14.99 -6.04 3.95
CA LYS A 32 15.25 -5.64 5.33
C LYS A 32 14.70 -4.25 5.61
N ALA A 33 14.88 -3.27 4.67
CA ALA A 33 14.33 -1.92 4.85
C ALA A 33 12.78 -1.97 4.87
N ALA A 34 12.18 -2.81 4.02
CA ALA A 34 10.71 -2.98 3.93
C ALA A 34 10.16 -3.63 5.20
N VAL A 35 10.93 -4.56 5.83
CA VAL A 35 10.53 -5.22 7.08
C VAL A 35 10.50 -4.13 8.17
N MET A 36 11.59 -3.34 8.24
CA MET A 36 11.75 -2.20 9.14
C MET A 36 10.58 -1.17 9.06
N VAL A 37 10.29 -0.63 7.87
CA VAL A 37 9.23 0.35 7.64
C VAL A 37 7.84 -0.23 8.02
N HIS A 38 7.59 -1.51 7.71
CA HIS A 38 6.32 -2.14 8.08
C HIS A 38 6.15 -2.17 9.60
N GLN A 39 7.24 -2.48 10.33
CA GLN A 39 7.27 -2.50 11.78
C GLN A 39 6.99 -1.11 12.30
N LEU A 40 7.62 -0.08 11.70
CA LEU A 40 7.39 1.33 12.05
C LEU A 40 5.94 1.75 11.78
N SER A 41 5.31 1.17 10.76
CA SER A 41 3.92 1.50 10.44
C SER A 41 2.92 0.87 11.45
N LYS A 42 3.38 -0.09 12.28
CA LYS A 42 2.50 -0.71 13.28
C LYS A 42 2.34 0.15 14.54
N LYS A 43 3.20 1.17 14.71
CA LYS A 43 3.09 2.07 15.85
C LYS A 43 2.69 3.42 15.31
N GLU A 44 1.61 4.00 15.85
CA GLU A 44 1.02 5.29 15.48
C GLU A 44 2.02 6.46 15.42
N ALA A 45 2.95 6.57 16.37
CA ALA A 45 3.95 7.66 16.34
C ALA A 45 4.85 7.57 15.08
N SER A 46 5.33 6.38 14.73
CA SER A 46 6.19 6.20 13.55
C SER A 46 5.41 6.11 12.23
N ARG A 47 4.13 5.74 12.31
CA ARG A 47 3.27 5.73 11.13
C ARG A 47 3.04 7.17 10.69
N HIS A 48 2.92 8.11 11.66
CA HIS A 48 2.75 9.52 11.38
C HIS A 48 3.91 10.08 10.61
N ALA A 49 5.14 9.73 11.00
CA ALA A 49 6.35 10.19 10.35
C ALA A 49 6.47 9.71 8.90
N ILE A 50 6.05 8.47 8.61
CA ILE A 50 6.08 7.88 7.27
C ILE A 50 5.10 8.61 6.35
N MET A 51 3.88 8.92 6.86
CA MET A 51 2.84 9.58 6.04
C MET A 51 3.21 10.99 5.61
N ARG A 52 3.97 11.69 6.47
CA ARG A 52 4.48 13.05 6.25
C ARG A 52 5.66 13.08 5.25
N SER A 53 6.23 11.92 4.91
CA SER A 53 7.33 11.88 3.97
C SER A 53 6.80 11.38 2.64
N PRO A 54 6.63 12.30 1.67
CA PRO A 54 6.14 11.87 0.35
C PRO A 54 7.14 10.97 -0.39
N GLN A 55 8.41 11.19 -0.16
CA GLN A 55 9.47 10.37 -0.76
C GLN A 55 9.42 8.94 -0.23
N MET A 56 9.15 8.78 1.07
CA MET A 56 9.05 7.44 1.66
C MET A 56 7.83 6.67 1.11
N VAL A 57 6.67 7.32 0.99
CA VAL A 57 5.48 6.65 0.47
C VAL A 57 5.69 6.22 -0.98
N SER A 58 6.35 7.09 -1.79
CA SER A 58 6.74 6.83 -3.18
C SER A 58 7.64 5.60 -3.28
N ALA A 59 8.63 5.45 -2.39
CA ALA A 59 9.53 4.29 -2.38
C ALA A 59 8.79 3.00 -1.98
N ILE A 60 7.82 3.07 -1.06
CA ILE A 60 7.02 1.89 -0.68
C ILE A 60 6.15 1.44 -1.88
N VAL A 61 5.57 2.40 -2.61
CA VAL A 61 4.73 2.13 -3.78
C VAL A 61 5.57 1.46 -4.86
N ARG A 62 6.69 2.08 -5.22
CA ARG A 62 7.62 1.63 -6.26
C ARG A 62 8.17 0.23 -5.94
N THR A 63 8.62 0.01 -4.71
CA THR A 63 9.14 -1.30 -4.29
C THR A 63 8.06 -2.36 -4.40
N MET A 64 6.85 -2.06 -3.88
CA MET A 64 5.72 -3.00 -3.89
C MET A 64 5.41 -3.52 -5.28
N GLN A 65 5.36 -2.61 -6.25
CA GLN A 65 4.96 -2.99 -7.59
C GLN A 65 6.02 -3.64 -8.44
N ASN A 66 7.27 -3.62 -8.00
CA ASN A 66 8.36 -4.20 -8.75
C ASN A 66 9.00 -5.40 -8.10
N THR A 67 8.71 -5.66 -6.81
CA THR A 67 9.35 -6.75 -6.11
C THR A 67 8.81 -8.12 -6.45
N ASN A 68 9.74 -9.05 -6.60
CA ASN A 68 9.46 -10.46 -6.79
C ASN A 68 9.57 -11.25 -5.45
N ASP A 69 10.09 -10.60 -4.39
CA ASP A 69 10.27 -11.13 -3.05
C ASP A 69 8.94 -11.05 -2.32
N VAL A 70 8.42 -12.23 -1.96
CA VAL A 70 7.12 -12.43 -1.28
C VAL A 70 7.02 -11.61 0.04
N GLU A 71 8.03 -11.71 0.90
CA GLU A 71 8.04 -10.97 2.16
C GLU A 71 8.06 -9.44 1.89
N THR A 72 8.81 -9.00 0.87
CA THR A 72 8.88 -7.57 0.53
C THR A 72 7.52 -7.04 0.08
N ALA A 73 6.80 -7.83 -0.72
CA ALA A 73 5.49 -7.49 -1.22
C ALA A 73 4.48 -7.44 -0.09
N ARG A 74 4.54 -8.38 0.85
CA ARG A 74 3.62 -8.41 1.98
C ARG A 74 3.90 -7.23 2.89
N CYS A 75 5.16 -6.98 3.20
CA CYS A 75 5.52 -5.85 4.08
C CYS A 75 5.11 -4.48 3.51
N THR A 76 5.36 -4.23 2.22
CA THR A 76 5.09 -2.95 1.58
C THR A 76 3.58 -2.67 1.37
N ALA A 77 2.80 -3.70 1.02
CA ALA A 77 1.33 -3.61 0.89
C ALA A 77 0.70 -3.42 2.27
N GLY A 78 1.25 -4.13 3.28
CA GLY A 78 0.88 -4.06 4.68
C GLY A 78 1.14 -2.68 5.25
N THR A 79 2.24 -2.04 4.82
CA THR A 79 2.57 -0.68 5.22
C THR A 79 1.49 0.26 4.65
N LEU A 80 1.17 0.17 3.34
CA LEU A 80 0.13 1.02 2.74
C LEU A 80 -1.24 0.79 3.35
N HIS A 81 -1.53 -0.48 3.71
CA HIS A 81 -2.78 -0.85 4.40
C HIS A 81 -2.88 -0.07 5.73
N ASN A 82 -1.81 -0.06 6.54
CA ASN A 82 -1.80 0.69 7.80
C ASN A 82 -1.99 2.20 7.63
N LEU A 83 -1.26 2.82 6.67
CA LEU A 83 -1.36 4.27 6.38
C LEU A 83 -2.72 4.65 5.83
N SER A 84 -3.43 3.71 5.19
CA SER A 84 -4.78 3.97 4.64
C SER A 84 -5.85 4.15 5.74
N HIS A 85 -5.52 3.85 7.01
CA HIS A 85 -6.46 4.09 8.11
C HIS A 85 -6.41 5.57 8.58
N HIS A 86 -5.60 6.44 7.92
CA HIS A 86 -5.40 7.87 8.23
C HIS A 86 -5.62 8.75 7.02
N ARG A 87 -6.27 9.94 7.21
CA ARG A 87 -6.57 10.88 6.12
C ARG A 87 -5.29 11.35 5.42
N GLU A 88 -4.25 11.62 6.23
CA GLU A 88 -2.92 12.02 5.80
C GLU A 88 -2.20 10.69 5.70
N GLY A 89 -2.48 9.98 4.64
CA GLY A 89 -1.98 8.64 4.42
C GLY A 89 -2.66 8.18 3.15
N LEU A 90 -4.00 8.32 3.09
CA LEU A 90 -4.81 8.09 1.90
C LEU A 90 -4.33 9.07 0.81
N LEU A 91 -4.12 10.36 1.20
CA LEU A 91 -3.64 11.43 0.32
C LEU A 91 -2.23 11.18 -0.18
N ALA A 92 -1.31 10.74 0.69
CA ALA A 92 0.07 10.43 0.29
C ALA A 92 0.12 9.24 -0.68
N ILE A 93 -0.70 8.21 -0.41
CA ILE A 93 -0.79 7.06 -1.31
C ILE A 93 -1.28 7.51 -2.69
N PHE A 94 -2.32 8.35 -2.71
CA PHE A 94 -2.94 8.87 -3.91
C PHE A 94 -1.98 9.68 -4.76
N LYS A 95 -1.15 10.52 -4.13
CA LYS A 95 -0.23 11.38 -4.88
C LYS A 95 1.05 10.68 -5.36
N SER A 96 1.41 9.54 -4.73
CA SER A 96 2.62 8.80 -5.09
C SER A 96 2.44 7.74 -6.16
N GLY A 97 1.31 7.73 -6.83
CA GLY A 97 0.98 6.74 -7.83
C GLY A 97 0.61 5.40 -7.22
N GLY A 98 -0.02 5.43 -6.05
CA GLY A 98 -0.41 4.22 -5.34
C GLY A 98 -1.53 3.44 -6.01
N ILE A 99 -2.54 4.11 -6.59
CA ILE A 99 -3.67 3.40 -7.23
C ILE A 99 -3.19 2.45 -8.34
N PRO A 100 -2.43 2.86 -9.39
CA PRO A 100 -1.99 1.88 -10.41
C PRO A 100 -1.19 0.72 -9.85
N ALA A 101 -0.36 0.99 -8.82
CA ALA A 101 0.46 -0.04 -8.20
C ALA A 101 -0.39 -1.04 -7.44
N LEU A 102 -1.43 -0.58 -6.70
CA LEU A 102 -2.38 -1.40 -5.95
C LEU A 102 -3.22 -2.23 -6.89
N VAL A 103 -3.64 -1.64 -8.03
CA VAL A 103 -4.40 -2.37 -9.04
C VAL A 103 -3.58 -3.57 -9.58
N LYS A 104 -2.28 -3.37 -9.84
CA LYS A 104 -1.37 -4.45 -10.28
C LYS A 104 -1.29 -5.51 -9.18
N MET A 105 -1.23 -5.08 -7.90
CA MET A 105 -1.18 -6.02 -6.79
C MET A 105 -2.44 -6.89 -6.66
N LEU A 106 -3.57 -6.44 -7.25
CA LEU A 106 -4.78 -7.28 -7.27
C LEU A 106 -4.61 -8.61 -8.06
N GLY A 107 -3.51 -8.72 -8.81
CA GLY A 107 -3.16 -9.93 -9.54
C GLY A 107 -2.19 -10.83 -8.79
N SER A 108 -1.85 -10.49 -7.55
CA SER A 108 -0.93 -11.25 -6.71
C SER A 108 -1.43 -12.64 -6.35
N PRO A 109 -0.56 -13.66 -6.43
CA PRO A 109 -0.93 -14.98 -5.90
C PRO A 109 -0.77 -15.05 -4.37
N VAL A 110 -0.17 -14.01 -3.73
CA VAL A 110 0.00 -13.96 -2.29
C VAL A 110 -1.29 -13.38 -1.74
N ASP A 111 -2.03 -14.17 -0.97
CA ASP A 111 -3.32 -13.75 -0.46
C ASP A 111 -3.27 -12.61 0.53
N SER A 112 -2.20 -12.48 1.35
CA SER A 112 -2.11 -11.35 2.27
C SER A 112 -1.90 -10.07 1.47
N VAL A 113 -1.03 -10.11 0.42
CA VAL A 113 -0.83 -8.95 -0.48
C VAL A 113 -2.16 -8.56 -1.14
N LEU A 114 -2.91 -9.57 -1.58
CA LEU A 114 -4.22 -9.43 -2.20
C LEU A 114 -5.20 -8.70 -1.24
N PHE A 115 -5.36 -9.21 0.02
CA PHE A 115 -6.23 -8.61 1.03
C PHE A 115 -5.79 -7.17 1.34
N TYR A 116 -4.48 -6.94 1.59
CA TYR A 116 -3.97 -5.59 1.85
C TYR A 116 -4.31 -4.63 0.69
N ALA A 117 -4.11 -5.08 -0.57
CA ALA A 117 -4.38 -4.28 -1.77
C ALA A 117 -5.82 -3.83 -1.89
N ILE A 118 -6.79 -4.76 -1.71
CA ILE A 118 -8.19 -4.43 -1.84
C ILE A 118 -8.69 -3.59 -0.68
N THR A 119 -8.18 -3.81 0.55
CA THR A 119 -8.63 -3.00 1.69
C THR A 119 -8.14 -1.57 1.56
N THR A 120 -6.88 -1.38 1.13
CA THR A 120 -6.31 -0.03 0.90
C THR A 120 -7.10 0.67 -0.19
N LEU A 121 -7.42 -0.06 -1.28
CA LEU A 121 -8.20 0.50 -2.38
C LEU A 121 -9.64 0.85 -1.93
N HIS A 122 -10.22 0.08 -1.00
CA HIS A 122 -11.56 0.34 -0.47
C HIS A 122 -11.52 1.62 0.38
N ASN A 123 -10.48 1.75 1.24
CA ASN A 123 -10.27 2.94 2.06
C ASN A 123 -10.08 4.17 1.20
N LEU A 124 -9.39 4.01 0.04
CA LEU A 124 -9.20 5.08 -0.94
C LEU A 124 -10.52 5.43 -1.63
N LEU A 125 -11.23 4.44 -2.19
CA LEU A 125 -12.51 4.68 -2.85
C LEU A 125 -13.59 5.27 -1.92
N LEU A 126 -13.40 5.11 -0.60
CA LEU A 126 -14.29 5.64 0.42
C LEU A 126 -14.03 7.11 0.75
N HIS A 127 -12.76 7.52 0.95
CA HIS A 127 -12.47 8.89 1.41
C HIS A 127 -11.55 9.75 0.54
N GLN A 128 -10.94 9.20 -0.52
CA GLN A 128 -10.03 9.99 -1.35
C GLN A 128 -10.68 10.54 -2.60
N GLU A 129 -10.67 11.87 -2.74
CA GLU A 129 -11.22 12.58 -3.90
C GLU A 129 -10.31 12.31 -5.08
N GLY A 130 -10.91 11.82 -6.16
CA GLY A 130 -10.16 11.46 -7.36
C GLY A 130 -9.83 9.98 -7.44
N ALA A 131 -10.03 9.22 -6.35
CA ALA A 131 -9.71 7.79 -6.35
C ALA A 131 -10.64 7.01 -7.24
N LYS A 132 -11.93 7.41 -7.31
CA LYS A 132 -12.91 6.71 -8.16
C LYS A 132 -12.49 6.69 -9.62
N MET A 133 -12.15 7.86 -10.18
CA MET A 133 -11.71 7.94 -11.57
C MET A 133 -10.35 7.30 -11.80
N ALA A 134 -9.44 7.39 -10.80
CA ALA A 134 -8.11 6.78 -10.91
C ALA A 134 -8.15 5.26 -10.93
N VAL A 135 -9.01 4.65 -10.09
CA VAL A 135 -9.20 3.20 -10.05
C VAL A 135 -9.71 2.71 -11.41
N ARG A 136 -10.67 3.45 -12.00
CA ARG A 136 -11.21 3.13 -13.30
C ARG A 136 -10.19 3.29 -14.43
N LEU A 137 -9.38 4.36 -14.40
CA LEU A 137 -8.37 4.58 -15.43
C LEU A 137 -7.29 3.50 -15.42
N ALA A 138 -6.94 2.98 -14.24
CA ALA A 138 -5.95 1.91 -14.14
C ALA A 138 -6.50 0.51 -14.52
N GLY A 139 -7.78 0.41 -14.86
CA GLY A 139 -8.40 -0.86 -15.21
C GLY A 139 -8.86 -1.67 -14.01
N GLY A 140 -9.01 -1.00 -12.87
CA GLY A 140 -9.43 -1.62 -11.61
C GLY A 140 -10.79 -2.25 -11.65
N LEU A 141 -11.67 -1.84 -12.58
CA LEU A 141 -13.01 -2.41 -12.70
C LEU A 141 -12.92 -3.86 -13.13
N GLN A 142 -12.11 -4.15 -14.15
CA GLN A 142 -11.90 -5.48 -14.69
C GLN A 142 -11.18 -6.36 -13.70
N LYS A 143 -10.16 -5.80 -13.01
CA LYS A 143 -9.35 -6.47 -12.00
C LYS A 143 -10.18 -6.92 -10.81
N MET A 144 -11.09 -6.05 -10.33
CA MET A 144 -11.93 -6.34 -9.18
C MET A 144 -12.98 -7.39 -9.53
N VAL A 145 -13.55 -7.35 -10.76
CA VAL A 145 -14.49 -8.38 -11.20
C VAL A 145 -13.79 -9.77 -11.21
N ALA A 146 -12.49 -9.82 -11.60
CA ALA A 146 -11.70 -11.06 -11.65
C ALA A 146 -11.55 -11.75 -10.28
N LEU A 147 -11.68 -10.97 -9.20
CA LEU A 147 -11.56 -11.48 -7.84
C LEU A 147 -12.85 -12.08 -7.29
N LEU A 148 -14.01 -11.78 -7.91
CA LEU A 148 -15.30 -12.30 -7.44
C LEU A 148 -15.40 -13.84 -7.41
N ASN A 149 -14.37 -14.53 -7.95
CA ASN A 149 -14.26 -15.97 -7.94
C ASN A 149 -13.65 -16.52 -6.64
N LYS A 150 -13.11 -15.66 -5.76
CA LYS A 150 -12.55 -16.11 -4.48
C LYS A 150 -13.66 -16.59 -3.54
N THR A 151 -13.32 -17.30 -2.45
CA THR A 151 -14.37 -17.84 -1.58
C THR A 151 -14.39 -17.25 -0.16
N ASN A 152 -13.38 -16.46 0.24
CA ASN A 152 -13.40 -15.86 1.58
C ASN A 152 -14.49 -14.81 1.65
N VAL A 153 -15.44 -14.97 2.57
CA VAL A 153 -16.61 -14.10 2.77
C VAL A 153 -16.27 -12.60 2.93
N LYS A 154 -15.34 -12.25 3.86
CA LYS A 154 -14.95 -10.86 4.12
C LYS A 154 -14.27 -10.22 2.93
N PHE A 155 -13.46 -11.00 2.19
CA PHE A 155 -12.75 -10.50 1.01
C PHE A 155 -13.72 -10.20 -0.12
N LEU A 156 -14.69 -11.07 -0.32
CA LEU A 156 -15.67 -10.90 -1.39
C LEU A 156 -16.55 -9.68 -1.12
N ALA A 157 -16.96 -9.48 0.13
CA ALA A 157 -17.78 -8.35 0.52
C ALA A 157 -17.05 -7.01 0.34
N ILE A 158 -15.77 -6.90 0.79
CA ILE A 158 -14.99 -5.67 0.57
C ILE A 158 -14.84 -5.35 -0.94
N THR A 159 -14.53 -6.39 -1.78
CA THR A 159 -14.38 -6.27 -3.23
C THR A 159 -15.69 -5.81 -3.87
N THR A 160 -16.83 -6.39 -3.44
CA THR A 160 -18.16 -6.06 -3.97
C THR A 160 -18.51 -4.61 -3.58
N ASP A 161 -18.12 -4.15 -2.36
CA ASP A 161 -18.36 -2.76 -1.95
C ASP A 161 -17.49 -1.80 -2.77
N CYS A 162 -16.28 -2.20 -3.21
CA CYS A 162 -15.42 -1.38 -4.07
C CYS A 162 -16.16 -1.12 -5.39
N LEU A 163 -16.78 -2.17 -5.97
CA LEU A 163 -17.52 -2.12 -7.22
C LEU A 163 -18.85 -1.36 -7.05
N GLN A 164 -19.50 -1.54 -5.90
CA GLN A 164 -20.75 -0.83 -5.57
C GLN A 164 -20.47 0.69 -5.35
N ILE A 165 -19.23 1.04 -4.89
CA ILE A 165 -18.78 2.41 -4.71
C ILE A 165 -18.50 3.04 -6.09
N LEU A 166 -17.83 2.29 -6.97
CA LEU A 166 -17.52 2.74 -8.33
C LEU A 166 -18.79 2.84 -9.19
C4 R9Q B . 1.08 -8.79 -8.53
C5 R9Q B . 1.12 -9.67 -9.59
C6 R9Q B . 1.89 -10.82 -9.53
C7 R9Q B . 2.67 -11.03 -8.40
C8 R9Q B . 2.62 -10.18 -7.31
C13 R9Q B . 5.44 -13.19 -7.52
C15 R9Q B . 6.78 -13.53 -7.71
C17 R9Q B . 6.60 -15.30 -6.10
C20 R9Q B . 4.48 -15.70 -4.92
C1 R9Q B . 5.58 -10.73 -5.01
C11 R9Q B . 5.38 -10.77 -7.50
C12 R9Q B . 4.88 -11.99 -8.24
C16 R9Q B . 7.35 -14.59 -7.02
C18 R9Q B . 5.27 -14.96 -5.88
C19 R9Q B . 4.69 -13.92 -6.60
C3 R9Q B . 1.85 -9.02 -7.40
C9 R9Q B . 3.41 -10.39 -6.05
N2 R9Q B . 4.73 -10.61 -6.18
N21 R9Q B . 3.89 -16.29 -4.15
O10 R9Q B . 2.85 -10.44 -4.97
O14 R9Q B . 3.45 -12.18 -8.35
#